data_2QNU
#
_entry.id   2QNU
#
_cell.length_a   61.257
_cell.length_b   125.407
_cell.length_c   49.876
_cell.angle_alpha   90.00
_cell.angle_beta   90.00
_cell.angle_gamma   90.00
#
_symmetry.space_group_name_H-M   'P 21 21 2'
#
loop_
_entity.id
_entity.type
_entity.pdbx_description
1 polymer 'Uncharacterized protein PA0076'
2 non-polymer 'ACETATE ION'
3 non-polymer 'TRIETHYLENE GLYCOL'
4 water water
#
_entity_poly.entity_id   1
_entity_poly.type   'polypeptide(L)'
_entity_poly.pdbx_seq_one_letter_code
;(MSE)NSVGFYG(MLZ)LAGRGDFVSRGLPNTFVEPWDAWLASG(MSE)RASQDELGAAWLDAYLTSPLWRFAIAPGLLG
GEAVTGVV(MSE)PSIDRVGRYFPLTVACLLPANADLGGLVGGDDGWFEQVESLLLSTLEPEAEVEAFEQAVAQLPAPPC
GPRIEQSLISGNLLRSEAVTPAQRLAALAQHACDGASHWWGRGSARISAGL(MSE)RYQGLPPAPAFGRFLTGEGEVIPL
FPGIPG
;
_entity_poly.pdbx_strand_id   A,B
#
loop_
_chem_comp.id
_chem_comp.type
_chem_comp.name
_chem_comp.formula
ACT non-polymer 'ACETATE ION' 'C2 H3 O2 -1'
PGE non-polymer 'TRIETHYLENE GLYCOL' 'C6 H14 O4'
#
# COMPACT_ATOMS: atom_id res chain seq x y z
N VAL A 4 -16.08 -20.02 6.29
CA VAL A 4 -14.83 -20.70 6.66
C VAL A 4 -14.84 -22.25 6.39
N GLY A 5 -13.70 -22.75 5.95
CA GLY A 5 -13.55 -24.17 5.60
C GLY A 5 -12.11 -24.50 5.89
N PHE A 6 -11.74 -25.74 5.64
CA PHE A 6 -10.37 -26.16 5.90
C PHE A 6 -9.94 -27.15 4.83
N TYR A 7 -8.64 -27.29 4.69
CA TYR A 7 -8.12 -28.26 3.80
C TYR A 7 -6.76 -28.65 4.29
N GLY A 8 -6.54 -29.97 4.30
CA GLY A 8 -5.17 -30.51 4.43
C GLY A 8 -5.16 -31.88 5.05
N MLZ A 9 -4.20 -32.09 5.97
CA MLZ A 9 -4.08 -33.39 6.68
CB MLZ A 9 -2.74 -34.10 6.31
CG MLZ A 9 -2.79 -34.61 4.86
CD MLZ A 9 -1.74 -35.65 4.35
CE MLZ A 9 -2.57 -36.63 3.43
NZ MLZ A 9 -1.78 -37.62 2.73
CM MLZ A 9 -0.43 -37.35 2.32
C MLZ A 9 -4.25 -33.17 8.17
O MLZ A 9 -3.75 -32.18 8.70
N LEU A 10 -4.94 -34.10 8.80
CA LEU A 10 -5.19 -34.19 10.26
C LEU A 10 -4.70 -35.53 10.78
N ALA A 11 -4.11 -35.56 11.98
CA ALA A 11 -3.52 -36.80 12.52
C ALA A 11 -4.52 -37.95 12.68
N GLY A 12 -5.77 -37.61 12.95
CA GLY A 12 -6.81 -38.62 13.08
C GLY A 12 -7.33 -39.18 11.76
N ARG A 13 -6.85 -38.77 10.60
CA ARG A 13 -7.36 -39.36 9.38
C ARG A 13 -6.22 -39.63 8.42
N GLY A 14 -6.44 -40.62 7.56
CA GLY A 14 -5.42 -41.10 6.65
C GLY A 14 -5.37 -40.29 5.37
N ASP A 15 -6.50 -39.84 4.85
CA ASP A 15 -6.48 -39.05 3.60
C ASP A 15 -6.55 -37.52 3.80
N PHE A 16 -6.35 -36.78 2.71
CA PHE A 16 -6.73 -35.37 2.63
C PHE A 16 -8.15 -35.18 3.10
N VAL A 17 -8.37 -34.12 3.86
CA VAL A 17 -9.71 -33.76 4.31
C VAL A 17 -9.98 -32.28 3.97
N SER A 18 -11.23 -31.97 3.66
CA SER A 18 -11.58 -30.67 3.11
C SER A 18 -13.02 -30.45 3.32
N ARG A 19 -13.36 -29.33 3.92
CA ARG A 19 -14.72 -28.93 4.04
C ARG A 19 -14.82 -27.45 3.78
N GLY A 20 -15.94 -27.04 3.17
CA GLY A 20 -16.27 -25.67 3.03
C GLY A 20 -15.50 -24.86 2.01
N LEU A 21 -14.69 -25.48 1.17
CA LEU A 21 -13.88 -24.70 0.25
C LEU A 21 -14.05 -25.19 -1.18
N PRO A 22 -14.21 -24.27 -2.13
CA PRO A 22 -14.31 -24.78 -3.50
C PRO A 22 -12.96 -25.14 -4.10
N ASN A 23 -13.03 -25.85 -5.23
CA ASN A 23 -11.86 -26.35 -5.91
C ASN A 23 -11.06 -25.22 -6.54
N THR A 24 -11.73 -24.14 -6.87
CA THR A 24 -11.07 -22.93 -7.33
C THR A 24 -10.06 -22.36 -6.30
N PHE A 25 -10.26 -22.69 -5.02
CA PHE A 25 -9.24 -22.38 -4.02
C PHE A 25 -8.29 -23.60 -3.80
N VAL A 26 -8.87 -24.77 -3.58
CA VAL A 26 -8.17 -25.96 -3.05
C VAL A 26 -7.12 -26.44 -4.08
N GLU A 27 -7.53 -26.47 -5.36
CA GLU A 27 -6.65 -27.00 -6.41
C GLU A 27 -5.35 -26.22 -6.48
N PRO A 28 -5.43 -24.89 -6.65
CA PRO A 28 -4.21 -24.15 -6.66
C PRO A 28 -3.47 -24.07 -5.31
N TRP A 29 -4.19 -24.12 -4.21
CA TRP A 29 -3.60 -24.02 -2.93
C TRP A 29 -2.72 -25.31 -2.64
N ASP A 30 -3.36 -26.45 -2.85
CA ASP A 30 -2.74 -27.78 -2.76
C ASP A 30 -1.52 -27.85 -3.65
N ALA A 31 -1.61 -27.41 -4.91
CA ALA A 31 -0.47 -27.42 -5.82
C ALA A 31 0.67 -26.56 -5.30
N TRP A 32 0.32 -25.42 -4.72
CA TRP A 32 1.31 -24.47 -4.24
C TRP A 32 1.98 -25.07 -3.06
N LEU A 33 1.22 -25.58 -2.11
CA LEU A 33 1.81 -26.23 -0.92
C LEU A 33 2.62 -27.47 -1.28
N ALA A 34 2.13 -28.28 -2.19
CA ALA A 34 2.85 -29.50 -2.63
C ALA A 34 4.20 -29.20 -3.25
N SER A 35 4.28 -28.19 -4.10
CA SER A 35 5.53 -27.75 -4.70
C SER A 35 6.51 -27.20 -3.69
N GLY A 36 5.98 -26.46 -2.72
CA GLY A 36 6.77 -25.85 -1.71
C GLY A 36 7.19 -26.93 -0.73
N MSE A 37 6.27 -27.78 -0.32
CA MSE A 37 6.69 -29.04 0.47
C MSE A 37 7.93 -29.81 -0.19
O MSE A 37 8.99 -29.90 0.37
CB MSE A 37 5.52 -29.93 0.76
CG MSE A 37 4.50 -29.30 1.70
SE MSE A 37 5.22 -29.21 3.50
CE MSE A 37 4.81 -31.22 3.90
N ARG A 38 7.82 -30.19 -1.45
CA ARG A 38 8.94 -30.84 -2.14
C ARG A 38 10.19 -30.01 -2.29
N ALA A 39 10.08 -28.74 -2.68
CA ALA A 39 11.28 -27.93 -2.82
C ALA A 39 11.98 -27.83 -1.49
N SER A 40 11.23 -27.58 -0.41
CA SER A 40 11.88 -27.40 0.89
C SER A 40 12.60 -28.68 1.39
N GLN A 41 11.99 -29.82 1.12
CA GLN A 41 12.57 -31.17 1.37
C GLN A 41 13.88 -31.39 0.61
N ASP A 42 13.90 -31.01 -0.66
CA ASP A 42 15.09 -31.12 -1.42
C ASP A 42 16.21 -30.27 -0.87
N GLU A 43 15.85 -29.02 -0.54
CA GLU A 43 16.79 -28.05 0.06
C GLU A 43 17.32 -28.45 1.44
N LEU A 44 16.45 -28.81 2.35
CA LEU A 44 16.87 -29.01 3.72
C LEU A 44 17.31 -30.45 3.99
N GLY A 45 16.83 -31.38 3.17
CA GLY A 45 17.17 -32.79 3.29
C GLY A 45 16.92 -33.34 4.68
N ALA A 46 17.99 -33.82 5.30
CA ALA A 46 17.94 -34.50 6.60
C ALA A 46 17.47 -33.58 7.71
N ALA A 47 17.78 -32.30 7.57
CA ALA A 47 17.39 -31.29 8.52
C ALA A 47 15.89 -30.79 8.33
N TRP A 48 15.17 -31.33 7.35
CA TRP A 48 13.82 -30.81 7.00
C TRP A 48 12.81 -31.05 8.11
N LEU A 49 12.73 -32.31 8.55
CA LEU A 49 11.67 -32.71 9.46
C LEU A 49 11.67 -31.93 10.75
N ASP A 50 12.86 -31.75 11.28
CA ASP A 50 13.06 -31.02 12.54
C ASP A 50 12.64 -29.54 12.36
N ALA A 51 13.00 -28.96 11.22
CA ALA A 51 12.56 -27.62 10.85
C ALA A 51 11.04 -27.51 10.72
N TYR A 52 10.40 -28.39 9.98
CA TYR A 52 8.98 -28.40 9.77
C TYR A 52 8.20 -28.57 11.07
N LEU A 53 8.66 -29.48 11.91
CA LEU A 53 7.87 -29.85 13.08
C LEU A 53 7.92 -28.77 14.18
N THR A 54 8.91 -27.88 14.12
CA THR A 54 9.00 -26.74 15.04
C THR A 54 8.63 -25.38 14.42
N SER A 55 8.27 -25.36 13.12
CA SER A 55 8.01 -24.13 12.42
C SER A 55 6.72 -23.47 12.91
N PRO A 56 6.57 -22.13 12.69
CA PRO A 56 5.40 -21.35 13.14
C PRO A 56 4.11 -21.67 12.43
N LEU A 57 2.98 -21.41 13.09
CA LEU A 57 1.71 -21.20 12.34
C LEU A 57 1.77 -19.83 11.62
N TRP A 58 1.31 -19.80 10.37
CA TRP A 58 1.39 -18.60 9.52
C TRP A 58 -0.01 -18.14 9.21
N ARG A 59 -0.29 -16.88 9.60
CA ARG A 59 -1.52 -16.14 9.20
C ARG A 59 -1.24 -15.57 7.84
N PHE A 60 -2.25 -15.53 7.00
CA PHE A 60 -2.02 -15.00 5.64
C PHE A 60 -3.24 -14.18 5.10
N ALA A 61 -2.97 -13.37 4.08
CA ALA A 61 -4.00 -12.65 3.33
C ALA A 61 -3.52 -12.66 1.91
N ILE A 62 -4.30 -13.22 1.01
CA ILE A 62 -3.92 -13.40 -0.37
C ILE A 62 -4.93 -12.69 -1.25
N ALA A 63 -4.40 -11.87 -2.14
CA ALA A 63 -5.19 -11.03 -2.99
C ALA A 63 -5.99 -11.77 -4.04
N PRO A 64 -7.12 -11.15 -4.45
CA PRO A 64 -7.91 -11.78 -5.49
C PRO A 64 -7.08 -12.12 -6.68
N GLY A 65 -7.41 -13.22 -7.32
CA GLY A 65 -6.79 -13.60 -8.55
C GLY A 65 -5.59 -14.53 -8.41
N LEU A 66 -5.04 -14.64 -7.22
CA LEU A 66 -3.91 -15.57 -6.95
C LEU A 66 -4.35 -17.03 -6.75
N LEU A 67 -5.47 -17.26 -6.09
CA LEU A 67 -6.07 -18.54 -5.83
C LEU A 67 -7.55 -18.58 -6.16
N GLY A 68 -7.88 -18.31 -7.41
CA GLY A 68 -9.28 -18.01 -7.80
C GLY A 68 -9.55 -16.52 -7.67
N GLY A 69 -10.79 -16.13 -8.00
CA GLY A 69 -11.22 -14.73 -8.03
C GLY A 69 -11.39 -14.04 -6.69
N GLU A 70 -11.65 -14.83 -5.64
CA GLU A 70 -11.90 -14.30 -4.35
C GLU A 70 -10.59 -14.06 -3.61
N ALA A 71 -10.60 -13.12 -2.69
CA ALA A 71 -9.50 -12.93 -1.78
C ALA A 71 -9.63 -14.08 -0.78
N VAL A 72 -8.53 -14.35 -0.08
CA VAL A 72 -8.40 -15.48 0.88
C VAL A 72 -7.57 -15.06 2.10
N THR A 73 -8.06 -15.41 3.29
CA THR A 73 -7.37 -15.16 4.56
C THR A 73 -7.55 -16.45 5.36
N GLY A 74 -6.59 -16.73 6.22
CA GLY A 74 -6.67 -17.92 7.07
C GLY A 74 -5.36 -18.12 7.79
N VAL A 75 -5.19 -19.30 8.39
CA VAL A 75 -3.95 -19.69 9.04
C VAL A 75 -3.58 -21.11 8.50
N VAL A 76 -2.28 -21.33 8.30
CA VAL A 76 -1.75 -22.65 7.92
C VAL A 76 -0.72 -23.13 8.97
N MSE A 77 -0.88 -24.39 9.40
CA MSE A 77 -0.06 -25.07 10.41
C MSE A 77 0.59 -26.37 9.80
O MSE A 77 -0.09 -27.18 9.15
CB MSE A 77 -0.97 -25.55 11.51
CG MSE A 77 -0.24 -26.06 12.73
SE MSE A 77 -1.45 -26.79 14.06
CE MSE A 77 -1.95 -28.56 13.04
N PRO A 78 1.87 -26.61 10.12
CA PRO A 78 2.51 -27.94 9.82
C PRO A 78 1.63 -29.02 10.41
N SER A 79 1.39 -30.08 9.66
CA SER A 79 0.54 -31.19 10.12
C SER A 79 1.01 -32.55 9.52
N ILE A 80 0.24 -33.58 9.80
CA ILE A 80 0.56 -34.96 9.45
C ILE A 80 -0.72 -35.72 9.31
N ASP A 81 -0.80 -36.78 8.50
CA ASP A 81 -1.98 -37.68 8.53
C ASP A 81 -1.76 -38.86 9.50
N ARG A 82 -2.81 -39.64 9.69
CA ARG A 82 -2.77 -40.86 10.51
C ARG A 82 -1.64 -41.88 10.23
N VAL A 83 -1.17 -41.92 8.99
CA VAL A 83 -0.13 -42.84 8.61
C VAL A 83 1.20 -42.21 8.35
N GLY A 84 1.48 -41.11 9.02
CA GLY A 84 2.82 -40.55 9.04
C GLY A 84 3.28 -39.71 7.88
N ARG A 85 2.37 -39.38 6.96
CA ARG A 85 2.72 -38.53 5.83
C ARG A 85 2.44 -37.01 6.13
N TYR A 86 3.44 -36.16 5.90
CA TYR A 86 3.37 -34.79 6.32
C TYR A 86 2.69 -33.86 5.29
N PHE A 87 1.83 -32.98 5.80
CA PHE A 87 1.25 -31.95 4.91
C PHE A 87 0.49 -30.95 5.79
N PRO A 88 0.59 -29.65 5.49
CA PRO A 88 -0.04 -28.71 6.38
C PRO A 88 -1.59 -28.78 6.47
N LEU A 89 -2.09 -28.27 7.57
CA LEU A 89 -3.50 -28.10 7.77
C LEU A 89 -3.79 -26.57 7.69
N THR A 90 -4.83 -26.23 6.90
CA THR A 90 -5.15 -24.87 6.58
C THR A 90 -6.63 -24.62 6.87
N VAL A 91 -6.94 -23.57 7.64
CA VAL A 91 -8.28 -23.00 7.78
C VAL A 91 -8.32 -21.69 6.98
N ALA A 92 -9.29 -21.60 6.08
CA ALA A 92 -9.37 -20.49 5.15
C ALA A 92 -10.79 -19.98 4.97
N CYS A 93 -10.86 -18.67 4.80
CA CYS A 93 -12.07 -17.94 4.52
C CYS A 93 -11.91 -17.20 3.19
N LEU A 94 -12.82 -17.47 2.26
CA LEU A 94 -12.87 -16.73 1.01
C LEU A 94 -13.70 -15.45 1.16
N LEU A 95 -13.14 -14.35 0.66
CA LEU A 95 -13.69 -13.03 0.82
C LEU A 95 -13.93 -12.41 -0.56
N PRO A 96 -14.84 -11.42 -0.64
CA PRO A 96 -15.01 -10.72 -1.94
C PRO A 96 -13.80 -9.99 -2.47
N ALA A 97 -13.78 -9.79 -3.77
CA ALA A 97 -12.64 -9.15 -4.45
C ALA A 97 -12.42 -7.69 -4.04
N ASN A 98 -13.46 -7.04 -3.53
CA ASN A 98 -13.32 -5.70 -2.97
C ASN A 98 -13.09 -5.71 -1.44
N ALA A 99 -12.65 -6.84 -0.89
CA ALA A 99 -12.37 -6.90 0.55
C ALA A 99 -11.21 -6.03 0.98
N ASP A 100 -11.30 -5.53 2.21
CA ASP A 100 -10.30 -4.70 2.82
C ASP A 100 -9.21 -5.55 3.44
N LEU A 101 -8.30 -6.05 2.61
CA LEU A 101 -7.21 -6.92 3.14
C LEU A 101 -6.23 -6.10 3.99
N GLY A 102 -6.04 -4.85 3.60
CA GLY A 102 -5.37 -3.85 4.43
C GLY A 102 -5.73 -3.78 5.89
N GLY A 103 -7.02 -3.62 6.20
CA GLY A 103 -7.48 -3.52 7.56
C GLY A 103 -7.44 -4.86 8.24
N LEU A 104 -7.44 -5.90 7.45
CA LEU A 104 -7.39 -7.24 8.01
C LEU A 104 -5.95 -7.58 8.45
N VAL A 105 -4.99 -7.34 7.57
CA VAL A 105 -3.61 -7.55 7.92
C VAL A 105 -3.22 -6.58 9.04
N GLY A 106 -3.69 -5.34 8.89
CA GLY A 106 -3.45 -4.33 9.92
C GLY A 106 -4.51 -4.29 10.96
N GLY A 107 -5.31 -5.32 11.11
CA GLY A 107 -6.43 -5.32 12.03
C GLY A 107 -6.22 -6.18 13.28
N ASP A 108 -7.27 -6.29 14.07
CA ASP A 108 -7.17 -6.98 15.34
C ASP A 108 -6.81 -8.43 15.05
N ASP A 109 -6.14 -9.06 16.01
CA ASP A 109 -5.61 -10.43 15.87
C ASP A 109 -6.64 -11.53 16.18
N GLY A 110 -7.76 -11.15 16.78
CA GLY A 110 -8.66 -12.09 17.44
C GLY A 110 -9.18 -13.26 16.60
N TRP A 111 -9.53 -12.98 15.35
CA TRP A 111 -10.04 -14.01 14.46
C TRP A 111 -8.93 -15.04 14.24
N PHE A 112 -7.71 -14.53 13.99
CA PHE A 112 -6.58 -15.39 13.72
C PHE A 112 -6.16 -16.23 14.97
N GLU A 113 -6.30 -15.63 16.17
CA GLU A 113 -6.01 -16.38 17.39
C GLU A 113 -7.03 -17.51 17.55
N GLN A 114 -8.31 -17.20 17.31
CA GLN A 114 -9.37 -18.25 17.32
C GLN A 114 -9.00 -19.40 16.35
N VAL A 115 -8.51 -19.04 15.17
CA VAL A 115 -8.19 -20.07 14.16
C VAL A 115 -6.97 -20.83 14.60
N GLU A 116 -5.98 -20.14 15.17
CA GLU A 116 -4.76 -20.81 15.65
C GLU A 116 -5.17 -21.86 16.72
N SER A 117 -5.92 -21.44 17.75
CA SER A 117 -6.42 -22.38 18.76
C SER A 117 -7.07 -23.61 18.14
N LEU A 118 -7.93 -23.46 17.14
CA LEU A 118 -8.61 -24.62 16.54
C LEU A 118 -7.68 -25.61 15.86
N LEU A 119 -6.76 -25.04 15.08
CA LEU A 119 -5.74 -25.80 14.40
C LEU A 119 -4.88 -26.57 15.45
N LEU A 120 -4.45 -25.90 16.51
CA LEU A 120 -3.50 -26.50 17.42
C LEU A 120 -4.17 -27.65 18.14
N SER A 121 -5.44 -27.48 18.44
CA SER A 121 -6.25 -28.48 19.11
C SER A 121 -6.24 -29.81 18.39
N THR A 122 -6.08 -29.78 17.06
CA THR A 122 -6.10 -30.99 16.26
C THR A 122 -4.87 -31.86 16.52
N LEU A 123 -3.86 -31.32 17.20
CA LEU A 123 -2.69 -32.10 17.61
C LEU A 123 -2.76 -32.62 19.06
N GLU A 124 -3.95 -32.75 19.64
CA GLU A 124 -4.08 -33.51 20.90
C GLU A 124 -4.50 -34.92 20.50
N PRO A 125 -3.81 -35.97 21.01
CA PRO A 125 -4.17 -37.39 20.70
C PRO A 125 -5.67 -37.68 20.75
N GLU A 126 -6.37 -37.09 21.75
CA GLU A 126 -7.80 -37.32 21.92
C GLU A 126 -8.68 -36.41 21.05
N ALA A 127 -8.06 -35.59 20.20
CA ALA A 127 -8.76 -34.78 19.21
C ALA A 127 -9.82 -35.57 18.45
N GLU A 128 -11.01 -35.01 18.34
CA GLU A 128 -12.10 -35.59 17.55
C GLU A 128 -12.14 -34.78 16.29
N VAL A 129 -11.98 -35.43 15.16
CA VAL A 129 -11.99 -34.72 13.88
C VAL A 129 -13.35 -34.07 13.58
N GLU A 130 -14.45 -34.73 13.94
CA GLU A 130 -15.78 -34.17 13.72
C GLU A 130 -16.02 -32.92 14.57
N ALA A 131 -15.33 -32.82 15.71
CA ALA A 131 -15.38 -31.64 16.58
C ALA A 131 -14.65 -30.50 15.94
N PHE A 132 -13.53 -30.82 15.30
CA PHE A 132 -12.82 -29.80 14.54
C PHE A 132 -13.71 -29.35 13.38
N GLU A 133 -14.31 -30.30 12.64
CA GLU A 133 -15.08 -29.97 11.43
C GLU A 133 -16.25 -29.04 11.76
N GLN A 134 -16.81 -29.18 12.96
CA GLN A 134 -17.94 -28.36 13.38
C GLN A 134 -17.54 -26.99 13.84
N ALA A 135 -16.48 -26.92 14.64
CA ALA A 135 -15.96 -25.62 15.06
C ALA A 135 -15.72 -24.74 13.84
N VAL A 136 -15.04 -25.27 12.83
CA VAL A 136 -14.74 -24.53 11.62
C VAL A 136 -16.01 -24.17 10.85
N ALA A 137 -16.97 -25.08 10.82
CA ALA A 137 -18.23 -24.86 10.13
C ALA A 137 -19.07 -23.80 10.87
N GLN A 138 -18.92 -23.75 12.20
CA GLN A 138 -19.57 -22.70 13.03
C GLN A 138 -18.70 -21.42 13.16
N LEU A 139 -17.58 -21.34 12.47
CA LEU A 139 -16.67 -20.19 12.61
C LEU A 139 -17.10 -18.99 11.72
N PRO A 140 -17.24 -17.79 12.32
CA PRO A 140 -17.49 -16.56 11.56
C PRO A 140 -16.35 -16.14 10.64
N ALA A 141 -16.66 -15.52 9.50
CA ALA A 141 -15.64 -14.78 8.75
C ALA A 141 -14.99 -13.74 9.65
N PRO A 142 -13.78 -13.32 9.31
CA PRO A 142 -13.16 -12.26 10.09
C PRO A 142 -13.87 -10.91 9.80
N PRO A 143 -13.79 -9.96 10.75
CA PRO A 143 -14.31 -8.60 10.52
C PRO A 143 -13.56 -7.96 9.36
N CYS A 144 -14.12 -8.04 8.19
CA CYS A 144 -13.46 -7.43 7.08
C CYS A 144 -14.53 -6.69 6.29
N GLY A 145 -14.37 -5.38 6.13
CA GLY A 145 -15.30 -4.58 5.37
C GLY A 145 -14.89 -4.33 3.96
N PRO A 146 -15.59 -3.43 3.25
CA PRO A 146 -15.23 -3.15 1.87
C PRO A 146 -14.11 -2.12 1.86
N ARG A 147 -13.28 -2.22 0.85
CA ARG A 147 -12.18 -1.34 0.71
C ARG A 147 -12.71 0.01 0.11
N ILE A 148 -11.89 1.05 0.17
CA ILE A 148 -12.18 2.42 -0.33
C ILE A 148 -12.43 2.37 -1.83
N GLU A 149 -13.49 3.04 -2.27
CA GLU A 149 -13.86 3.18 -3.67
C GLU A 149 -12.71 3.67 -4.51
N GLN A 150 -12.50 3.03 -5.65
CA GLN A 150 -11.34 3.31 -6.47
C GLN A 150 -11.70 3.10 -7.92
N SER A 151 -11.10 3.89 -8.81
CA SER A 151 -11.29 3.68 -10.24
C SER A 151 -9.96 3.81 -10.94
N LEU A 152 -9.90 3.25 -12.12
CA LEU A 152 -8.76 3.42 -12.96
C LEU A 152 -9.13 4.41 -14.03
N ILE A 153 -8.27 5.41 -14.16
CA ILE A 153 -8.49 6.51 -15.09
C ILE A 153 -7.41 6.55 -16.13
N SER A 154 -7.88 6.45 -17.37
CA SER A 154 -7.08 6.46 -18.61
C SER A 154 -5.86 5.57 -18.54
N GLY A 155 -6.10 4.34 -18.09
CA GLY A 155 -5.07 3.35 -18.12
C GLY A 155 -4.00 3.46 -17.06
N ASN A 156 -3.74 4.64 -16.47
CA ASN A 156 -2.59 4.77 -15.55
C ASN A 156 -2.71 5.59 -14.27
N LEU A 157 -3.92 5.96 -13.90
CA LEU A 157 -4.13 6.67 -12.65
C LEU A 157 -5.10 5.91 -11.82
N LEU A 158 -4.74 5.62 -10.58
CA LEU A 158 -5.70 5.07 -9.66
C LEU A 158 -6.20 6.22 -8.79
N ARG A 159 -7.51 6.44 -8.85
CA ARG A 159 -8.14 7.47 -8.04
C ARG A 159 -8.97 6.81 -6.97
N SER A 160 -8.72 7.21 -5.73
CA SER A 160 -9.38 6.70 -4.61
C SER A 160 -10.26 7.80 -3.97
N GLU A 161 -11.41 7.40 -3.47
CA GLU A 161 -12.33 8.39 -2.86
C GLU A 161 -11.99 8.47 -1.42
N ALA A 162 -10.79 8.95 -1.16
CA ALA A 162 -10.28 9.05 0.23
C ALA A 162 -10.07 10.54 0.53
N VAL A 163 -10.78 11.07 1.54
CA VAL A 163 -10.79 12.53 1.76
C VAL A 163 -10.32 12.91 3.16
N THR A 164 -10.06 11.95 4.02
CA THR A 164 -9.49 12.22 5.34
C THR A 164 -8.18 11.43 5.45
N PRO A 165 -7.31 11.81 6.41
CA PRO A 165 -6.13 11.02 6.71
C PRO A 165 -6.36 9.51 6.92
N ALA A 166 -7.35 9.09 7.72
CA ALA A 166 -7.66 7.66 7.92
C ALA A 166 -8.04 6.95 6.63
N GLN A 167 -8.79 7.61 5.78
CA GLN A 167 -9.23 6.99 4.52
C GLN A 167 -8.04 6.79 3.56
N ARG A 168 -7.16 7.79 3.51
CA ARG A 168 -5.99 7.75 2.68
C ARG A 168 -5.04 6.62 3.18
N LEU A 169 -4.82 6.49 4.48
CA LEU A 169 -4.01 5.43 5.02
C LEU A 169 -4.60 4.07 4.65
N ALA A 170 -5.89 3.91 4.85
CA ALA A 170 -6.58 2.72 4.50
C ALA A 170 -6.43 2.39 3.00
N ALA A 171 -6.53 3.40 2.16
CA ALA A 171 -6.45 3.13 0.75
C ALA A 171 -5.07 2.70 0.33
N LEU A 172 -4.03 3.31 0.91
CA LEU A 172 -2.65 2.89 0.60
C LEU A 172 -2.40 1.43 1.05
N ALA A 173 -2.77 1.13 2.28
CA ALA A 173 -2.60 -0.24 2.80
C ALA A 173 -3.36 -1.29 1.97
N GLN A 174 -4.56 -0.95 1.55
CA GLN A 174 -5.34 -1.80 0.69
C GLN A 174 -4.61 -2.04 -0.59
N HIS A 175 -4.05 -0.98 -1.17
CA HIS A 175 -3.31 -1.10 -2.40
C HIS A 175 -2.06 -2.02 -2.27
N ALA A 176 -1.42 -1.94 -1.13
CA ALA A 176 -0.25 -2.73 -0.93
C ALA A 176 -0.61 -4.25 -0.94
N CYS A 177 -1.84 -4.64 -0.62
CA CYS A 177 -2.25 -6.02 -0.67
C CYS A 177 -2.56 -6.55 -2.05
N ASP A 178 -2.81 -5.67 -3.01
CA ASP A 178 -3.22 -6.12 -4.35
C ASP A 178 -2.14 -6.90 -5.11
N GLY A 179 -2.51 -7.98 -5.73
CA GLY A 179 -1.49 -8.80 -6.43
C GLY A 179 -0.45 -9.53 -5.56
N ALA A 180 -0.68 -9.58 -4.26
CA ALA A 180 0.30 -10.00 -3.29
C ALA A 180 -0.25 -11.02 -2.35
N SER A 181 0.68 -11.72 -1.68
CA SER A 181 0.36 -12.51 -0.49
C SER A 181 1.12 -11.96 0.74
N HIS A 182 0.44 -11.90 1.86
CA HIS A 182 1.07 -11.40 3.08
C HIS A 182 1.04 -12.51 4.10
N TRP A 183 2.13 -12.68 4.84
CA TRP A 183 2.31 -13.80 5.79
C TRP A 183 2.88 -13.22 7.06
N TRP A 184 2.29 -13.53 8.21
CA TRP A 184 2.77 -13.01 9.51
C TRP A 184 2.37 -13.97 10.60
N GLY A 185 2.97 -13.78 11.77
CA GLY A 185 2.41 -14.41 12.97
C GLY A 185 3.44 -14.44 14.06
N ARG A 186 3.28 -15.38 14.99
CA ARG A 186 4.04 -15.36 16.25
C ARG A 186 5.47 -15.85 16.07
N GLY A 187 5.74 -16.50 14.94
CA GLY A 187 7.05 -17.06 14.68
C GLY A 187 7.26 -18.30 15.58
N SER A 188 8.49 -18.49 16.01
CA SER A 188 8.84 -19.63 16.85
C SER A 188 10.16 -19.28 17.51
N ALA A 189 10.84 -20.30 18.03
CA ALA A 189 12.16 -20.07 18.62
C ALA A 189 13.29 -20.07 17.57
N ARG A 190 12.95 -20.25 16.28
CA ARG A 190 13.91 -20.20 15.18
C ARG A 190 13.57 -19.04 14.22
N ILE A 191 12.31 -18.63 14.21
CA ILE A 191 11.83 -17.53 13.34
C ILE A 191 11.21 -16.44 14.19
N SER A 192 11.66 -15.20 14.03
CA SER A 192 11.07 -14.05 14.72
C SER A 192 9.69 -13.63 14.16
N ALA A 193 8.77 -13.21 15.03
CA ALA A 193 7.47 -12.69 14.57
C ALA A 193 7.73 -11.54 13.61
N GLY A 194 6.90 -11.37 12.60
CA GLY A 194 7.19 -10.35 11.60
C GLY A 194 6.29 -10.61 10.42
N LEU A 195 6.42 -9.79 9.40
CA LEU A 195 5.53 -9.84 8.23
C LEU A 195 6.33 -10.06 6.96
N MSE A 196 5.84 -10.91 6.07
CA MSE A 196 6.51 -11.18 4.80
C MSE A 196 5.49 -10.86 3.68
O MSE A 196 4.31 -11.13 3.84
CB MSE A 196 6.87 -12.67 4.76
CG MSE A 196 8.01 -13.04 5.78
SE MSE A 196 8.36 -14.92 5.43
CE MSE A 196 6.81 -15.75 6.12
N ARG A 197 5.93 -10.25 2.59
CA ARG A 197 5.11 -10.03 1.42
C ARG A 197 5.81 -10.64 0.20
N TYR A 198 5.04 -11.31 -0.61
CA TYR A 198 5.51 -11.79 -1.88
C TYR A 198 4.58 -11.21 -2.94
N GLN A 199 5.12 -10.82 -4.08
CA GLN A 199 4.29 -10.44 -5.19
C GLN A 199 3.83 -11.74 -5.77
N GLY A 200 2.59 -12.09 -5.65
CA GLY A 200 2.08 -13.36 -6.12
C GLY A 200 2.18 -14.32 -4.93
N LEU A 201 2.06 -15.60 -5.22
CA LEU A 201 2.34 -16.64 -4.22
C LEU A 201 3.83 -16.87 -4.11
N PRO A 202 4.34 -17.22 -2.91
CA PRO A 202 5.77 -17.44 -2.82
C PRO A 202 6.25 -18.52 -3.83
N PRO A 203 7.40 -18.32 -4.46
CA PRO A 203 7.94 -19.36 -5.35
C PRO A 203 8.27 -20.63 -4.54
N ALA A 204 8.22 -21.81 -5.14
CA ALA A 204 8.52 -23.06 -4.41
C ALA A 204 9.83 -23.02 -3.61
N PRO A 205 10.91 -22.50 -4.19
CA PRO A 205 12.17 -22.47 -3.39
C PRO A 205 12.20 -21.48 -2.22
N ALA A 206 11.18 -20.65 -2.09
CA ALA A 206 11.06 -19.70 -0.96
C ALA A 206 10.27 -20.40 0.16
N PHE A 207 9.65 -21.55 -0.14
CA PHE A 207 8.84 -22.22 0.89
C PHE A 207 9.61 -22.55 2.25
N GLY A 208 10.89 -22.84 2.16
CA GLY A 208 11.68 -23.18 3.36
C GLY A 208 11.84 -22.04 4.37
N ARG A 209 11.66 -20.83 3.88
CA ARG A 209 11.68 -19.64 4.73
C ARG A 209 10.55 -19.62 5.73
N PHE A 210 9.48 -20.34 5.46
CA PHE A 210 8.41 -20.53 6.42
C PHE A 210 8.88 -21.47 7.54
N LEU A 211 9.91 -22.30 7.25
CA LEU A 211 10.35 -23.33 8.21
C LEU A 211 11.61 -23.00 8.94
N THR A 212 12.54 -22.31 8.30
CA THR A 212 13.81 -22.01 8.94
C THR A 212 14.06 -20.56 8.87
N GLY A 213 14.70 -20.02 9.90
CA GLY A 213 14.96 -18.60 9.94
C GLY A 213 16.41 -18.35 9.62
N GLU A 214 16.85 -17.11 9.88
CA GLU A 214 18.26 -16.82 10.08
C GLU A 214 18.50 -16.60 11.59
N SER B 3 15.18 23.80 5.85
CA SER B 3 14.57 22.47 5.58
C SER B 3 13.39 22.45 4.55
N VAL B 4 12.58 23.51 4.51
CA VAL B 4 11.55 23.65 3.48
C VAL B 4 12.00 24.72 2.50
N GLY B 5 11.68 24.59 1.22
CA GLY B 5 11.96 25.67 0.29
C GLY B 5 10.85 25.82 -0.71
N PHE B 6 11.12 26.53 -1.80
CA PHE B 6 10.07 26.73 -2.78
C PHE B 6 10.74 26.93 -4.14
N TYR B 7 9.98 26.70 -5.21
CA TYR B 7 10.45 26.94 -6.56
C TYR B 7 9.24 27.25 -7.42
N GLY B 8 9.42 28.16 -8.36
CA GLY B 8 8.42 28.41 -9.35
C GLY B 8 8.31 29.89 -9.64
N MLZ B 9 7.05 30.35 -9.78
CA MLZ B 9 6.73 31.74 -10.08
CB MLZ B 9 6.09 32.01 -11.44
CG MLZ B 9 7.22 32.01 -12.46
CD MLZ B 9 6.66 31.96 -13.87
CE MLZ B 9 7.75 31.56 -14.85
NZ MLZ B 9 8.65 32.63 -15.23
CM MLZ B 9 8.93 32.75 -16.65
C MLZ B 9 5.74 32.27 -9.11
O MLZ B 9 4.78 31.61 -8.72
N LEU B 10 5.97 33.50 -8.70
CA LEU B 10 4.90 34.24 -8.05
C LEU B 10 4.75 35.66 -8.59
N ALA B 11 3.53 36.20 -8.45
CA ALA B 11 3.12 37.52 -8.95
C ALA B 11 4.06 38.67 -8.62
N GLY B 12 4.73 38.61 -7.46
CA GLY B 12 5.65 39.68 -7.04
C GLY B 12 7.08 39.67 -7.56
N ARG B 13 7.39 38.75 -8.47
CA ARG B 13 8.75 38.61 -9.01
C ARG B 13 8.63 38.29 -10.47
N GLY B 14 9.54 38.86 -11.25
CA GLY B 14 9.49 38.72 -12.70
C GLY B 14 10.08 37.44 -13.27
N ASP B 15 11.00 36.81 -12.54
CA ASP B 15 11.70 35.63 -13.02
C ASP B 15 11.34 34.38 -12.18
N PHE B 16 11.93 33.26 -12.51
CA PHE B 16 11.79 32.07 -11.67
C PHE B 16 12.40 32.36 -10.31
N VAL B 17 11.80 31.86 -9.26
CA VAL B 17 12.37 32.07 -7.92
C VAL B 17 12.50 30.70 -7.23
N SER B 18 13.61 30.52 -6.51
CA SER B 18 14.00 29.25 -5.92
C SER B 18 14.77 29.56 -4.63
N ARG B 19 14.33 29.07 -3.48
CA ARG B 19 15.15 29.09 -2.27
C ARG B 19 15.07 27.77 -1.53
N GLY B 20 16.16 27.40 -0.86
CA GLY B 20 16.17 26.31 0.12
C GLY B 20 16.08 24.92 -0.46
N LEU B 21 16.10 24.82 -1.80
CA LEU B 21 15.96 23.59 -2.54
C LEU B 21 17.24 23.33 -3.38
N PRO B 22 17.75 22.09 -3.38
CA PRO B 22 18.94 21.83 -4.22
C PRO B 22 18.56 21.57 -5.70
N ASN B 23 19.51 21.67 -6.61
CA ASN B 23 19.22 21.45 -8.03
C ASN B 23 18.88 20.00 -8.36
N THR B 24 19.31 19.10 -7.49
CA THR B 24 18.99 17.68 -7.62
C THR B 24 17.51 17.55 -7.69
N PHE B 25 16.84 18.39 -6.90
CA PHE B 25 15.38 18.42 -6.98
C PHE B 25 14.85 19.31 -8.11
N VAL B 26 15.35 20.55 -8.18
CA VAL B 26 14.79 21.57 -9.04
C VAL B 26 14.90 21.21 -10.53
N GLU B 27 16.10 20.83 -11.01
CA GLU B 27 16.28 20.44 -12.40
C GLU B 27 15.17 19.47 -12.89
N PRO B 28 15.06 18.27 -12.26
CA PRO B 28 13.97 17.38 -12.68
C PRO B 28 12.54 17.88 -12.39
N TRP B 29 12.36 18.58 -11.29
CA TRP B 29 11.02 19.03 -10.94
C TRP B 29 10.55 20.03 -12.01
N ASP B 30 11.39 20.99 -12.33
CA ASP B 30 11.17 21.94 -13.43
C ASP B 30 10.88 21.28 -14.79
N ALA B 31 11.69 20.27 -15.17
CA ALA B 31 11.54 19.61 -16.46
C ALA B 31 10.24 18.86 -16.48
N TRP B 32 9.88 18.28 -15.35
CA TRP B 32 8.65 17.54 -15.30
C TRP B 32 7.47 18.53 -15.39
N LEU B 33 7.48 19.66 -14.67
CA LEU B 33 6.36 20.63 -14.79
C LEU B 33 6.26 21.20 -16.16
N ALA B 34 7.39 21.60 -16.73
CA ALA B 34 7.42 22.14 -18.06
C ALA B 34 6.85 21.21 -19.15
N SER B 35 7.16 19.92 -19.07
CA SER B 35 6.65 18.91 -20.03
C SER B 35 5.16 18.78 -19.91
N GLY B 36 4.70 18.79 -18.66
CA GLY B 36 3.29 18.70 -18.32
C GLY B 36 2.53 19.93 -18.81
N MSE B 37 3.14 21.11 -18.66
CA MSE B 37 2.50 22.37 -18.99
C MSE B 37 2.28 22.37 -20.49
O MSE B 37 1.18 22.55 -20.96
CB MSE B 37 3.40 23.56 -18.57
CG MSE B 37 3.49 23.83 -17.04
SE MSE B 37 1.78 24.57 -16.26
CE MSE B 37 2.17 26.38 -16.92
N ARG B 38 3.35 22.12 -21.23
CA ARG B 38 3.34 22.02 -22.69
C ARG B 38 2.35 20.96 -23.18
N ALA B 39 2.35 19.75 -22.62
CA ALA B 39 1.37 18.76 -23.10
C ALA B 39 -0.07 19.16 -22.78
N SER B 40 -0.34 19.63 -21.55
CA SER B 40 -1.71 20.11 -21.18
C SER B 40 -2.14 21.24 -22.11
N GLN B 41 -1.24 22.18 -22.38
CA GLN B 41 -1.49 23.23 -23.35
C GLN B 41 -1.84 22.71 -24.75
N ASP B 42 -1.08 21.76 -25.28
CA ASP B 42 -1.39 21.21 -26.60
C ASP B 42 -2.75 20.50 -26.63
N GLU B 43 -3.04 19.77 -25.55
CA GLU B 43 -4.27 18.98 -25.47
C GLU B 43 -5.53 19.84 -25.34
N LEU B 44 -5.42 20.86 -24.49
CA LEU B 44 -6.53 21.71 -24.11
C LEU B 44 -6.75 22.92 -24.98
N GLY B 45 -5.71 23.42 -25.64
CA GLY B 45 -5.85 24.53 -26.59
C GLY B 45 -6.44 25.74 -25.89
N ALA B 46 -7.42 26.38 -26.54
CA ALA B 46 -8.06 27.61 -25.98
C ALA B 46 -8.63 27.42 -24.58
N ALA B 47 -9.00 26.19 -24.26
CA ALA B 47 -9.54 25.84 -22.95
C ALA B 47 -8.50 25.76 -21.82
N TRP B 48 -7.22 25.85 -22.16
CA TRP B 48 -6.16 25.59 -21.18
C TRP B 48 -6.20 26.57 -19.99
N LEU B 49 -6.27 27.87 -20.30
CA LEU B 49 -6.04 28.91 -19.30
C LEU B 49 -7.11 28.95 -18.21
N ASP B 50 -8.33 28.73 -18.62
CA ASP B 50 -9.47 28.59 -17.72
C ASP B 50 -9.36 27.42 -16.79
N ALA B 51 -8.96 26.29 -17.35
CA ALA B 51 -8.70 25.07 -16.52
C ALA B 51 -7.60 25.26 -15.48
N TYR B 52 -6.47 25.77 -15.94
CA TYR B 52 -5.28 26.03 -15.15
C TYR B 52 -5.57 26.97 -13.95
N LEU B 53 -6.18 28.10 -14.27
CA LEU B 53 -6.48 29.17 -13.28
C LEU B 53 -7.38 28.74 -12.18
N THR B 54 -8.29 27.81 -12.46
CA THR B 54 -9.21 27.39 -11.42
C THR B 54 -8.96 26.00 -10.90
N SER B 55 -7.80 25.40 -11.24
CA SER B 55 -7.46 24.06 -10.89
C SER B 55 -7.03 24.03 -9.40
N PRO B 56 -7.10 22.84 -8.78
CA PRO B 56 -6.72 22.68 -7.37
C PRO B 56 -5.28 22.91 -7.01
N LEU B 57 -5.12 23.10 -5.70
CA LEU B 57 -3.83 22.98 -5.10
C LEU B 57 -3.70 21.48 -4.78
N TRP B 58 -2.57 20.89 -5.23
CA TRP B 58 -2.29 19.50 -5.02
C TRP B 58 -1.16 19.32 -4.00
N ARG B 59 -1.51 18.65 -2.94
CA ARG B 59 -0.56 18.14 -1.97
C ARG B 59 0.05 16.86 -2.59
N PHE B 60 1.32 16.60 -2.34
CA PHE B 60 1.95 15.44 -2.88
C PHE B 60 3.01 14.82 -1.97
N ALA B 61 3.22 13.52 -2.20
CA ALA B 61 4.35 12.80 -1.70
C ALA B 61 4.92 11.90 -2.80
N ILE B 62 6.18 12.12 -3.07
CA ILE B 62 6.92 11.50 -4.16
C ILE B 62 8.07 10.64 -3.62
N ALA B 63 8.10 9.39 -4.09
CA ALA B 63 9.18 8.44 -3.68
C ALA B 63 10.59 8.90 -4.05
N PRO B 64 11.58 8.41 -3.32
CA PRO B 64 12.98 8.67 -3.66
C PRO B 64 13.33 8.15 -5.04
N GLY B 65 14.16 8.89 -5.74
CA GLY B 65 14.66 8.48 -7.06
C GLY B 65 13.77 8.78 -8.25
N LEU B 66 12.59 9.34 -8.00
CA LEU B 66 11.73 9.76 -9.14
C LEU B 66 12.11 11.17 -9.59
N LEU B 67 12.72 11.92 -8.71
CA LEU B 67 13.26 13.21 -9.04
C LEU B 67 14.76 13.11 -8.81
N GLY B 68 15.23 13.61 -7.67
CA GLY B 68 16.54 13.22 -7.14
C GLY B 68 16.36 12.09 -6.15
N GLY B 69 17.37 11.85 -5.33
CA GLY B 69 17.41 10.65 -4.50
C GLY B 69 16.75 10.79 -3.15
N GLU B 70 16.34 11.99 -2.82
CA GLU B 70 15.50 12.17 -1.63
C GLU B 70 14.03 12.00 -2.01
N ALA B 71 13.24 11.65 -0.99
CA ALA B 71 11.82 11.74 -1.12
C ALA B 71 11.43 13.24 -1.04
N VAL B 72 10.22 13.53 -1.53
CA VAL B 72 9.75 14.88 -1.52
C VAL B 72 8.26 14.92 -1.23
N THR B 73 7.92 15.88 -0.37
CA THR B 73 6.52 16.17 -0.06
C THR B 73 6.28 17.68 -0.12
N GLY B 74 5.03 18.06 -0.37
CA GLY B 74 4.73 19.47 -0.53
C GLY B 74 3.37 19.75 -1.09
N VAL B 75 3.24 20.98 -1.60
CA VAL B 75 2.02 21.42 -2.25
C VAL B 75 2.39 22.23 -3.47
N VAL B 76 1.65 22.06 -4.56
CA VAL B 76 1.90 22.85 -5.77
C VAL B 76 0.60 23.54 -6.16
N MSE B 77 0.72 24.80 -6.60
CA MSE B 77 -0.42 25.66 -6.98
C MSE B 77 -0.20 26.36 -8.30
O MSE B 77 0.86 26.88 -8.51
CB MSE B 77 -0.57 26.76 -5.90
CG MSE B 77 -1.75 27.72 -6.19
SE MSE B 77 -1.77 29.28 -4.91
CE MSE B 77 -0.36 30.26 -5.69
N PRO B 78 -1.22 26.46 -9.17
CA PRO B 78 -1.06 27.30 -10.38
C PRO B 78 -0.69 28.75 -10.02
N SER B 79 0.25 29.31 -10.75
CA SER B 79 0.79 30.63 -10.42
C SER B 79 1.23 31.38 -11.66
N ILE B 80 1.86 32.50 -11.43
CA ILE B 80 2.15 33.47 -12.48
C ILE B 80 3.24 34.42 -12.00
N ASP B 81 4.03 34.94 -12.92
CA ASP B 81 5.11 35.86 -12.54
C ASP B 81 4.62 37.28 -12.72
N ARG B 82 5.46 38.24 -12.35
CA ARG B 82 5.11 39.67 -12.35
C ARG B 82 4.75 40.22 -13.75
N VAL B 83 5.30 39.64 -14.80
CA VAL B 83 4.97 40.06 -16.16
C VAL B 83 4.03 39.12 -16.92
N GLY B 84 3.22 38.34 -16.21
CA GLY B 84 2.07 37.65 -16.79
C GLY B 84 2.28 36.26 -17.39
N ARG B 85 3.45 35.69 -17.20
CA ARG B 85 3.74 34.35 -17.71
C ARG B 85 3.35 33.29 -16.66
N TYR B 86 2.82 32.16 -17.12
CA TYR B 86 2.28 31.10 -16.24
C TYR B 86 3.28 29.99 -15.86
N PHE B 87 3.45 29.74 -14.55
CA PHE B 87 4.14 28.58 -14.05
C PHE B 87 3.74 28.29 -12.63
N PRO B 88 3.57 27.00 -12.26
CA PRO B 88 3.17 26.73 -10.87
C PRO B 88 4.17 27.22 -9.82
N LEU B 89 3.68 27.33 -8.61
CA LEU B 89 4.55 27.64 -7.45
C LEU B 89 4.45 26.45 -6.53
N THR B 90 5.60 25.97 -6.11
CA THR B 90 5.66 24.79 -5.29
C THR B 90 6.39 25.14 -4.03
N VAL B 91 5.85 24.70 -2.91
CA VAL B 91 6.61 24.59 -1.64
C VAL B 91 6.88 23.08 -1.40
N ALA B 92 8.15 22.75 -1.17
CA ALA B 92 8.61 21.34 -1.08
C ALA B 92 9.57 21.14 0.09
N CYS B 93 9.35 20.04 0.80
CA CYS B 93 10.31 19.57 1.79
C CYS B 93 10.95 18.25 1.32
N LEU B 94 12.27 18.26 1.21
CA LEU B 94 13.03 17.08 0.86
C LEU B 94 13.27 16.17 2.07
N LEU B 95 12.93 14.91 2.00
CA LEU B 95 13.06 14.03 3.14
C LEU B 95 14.14 12.95 2.86
N PRO B 96 14.66 12.32 3.93
CA PRO B 96 15.56 11.17 3.72
C PRO B 96 14.93 10.10 2.85
N ALA B 97 15.76 9.46 2.02
CA ALA B 97 15.25 8.41 1.16
C ALA B 97 14.58 7.27 1.97
N ASN B 98 14.81 7.20 3.27
CA ASN B 98 14.11 6.21 4.07
C ASN B 98 12.95 6.74 4.87
N ALA B 99 12.40 7.92 4.54
CA ALA B 99 11.32 8.48 5.35
C ALA B 99 10.01 7.76 5.06
N ASP B 100 9.10 7.78 6.03
CA ASP B 100 7.80 7.10 5.95
C ASP B 100 6.72 8.00 5.31
N LEU B 101 6.63 7.90 3.99
CA LEU B 101 5.65 8.61 3.22
C LEU B 101 4.22 8.17 3.50
N GLY B 102 4.08 6.94 4.01
CA GLY B 102 2.80 6.33 4.26
C GLY B 102 2.08 7.15 5.32
N GLY B 103 2.77 7.43 6.41
CA GLY B 103 2.19 8.07 7.57
C GLY B 103 1.95 9.53 7.30
N LEU B 104 2.58 10.05 6.27
CA LEU B 104 2.43 11.43 5.87
C LEU B 104 1.20 11.62 4.94
N VAL B 105 1.13 10.79 3.90
CA VAL B 105 -0.03 10.74 3.04
C VAL B 105 -1.20 10.42 3.93
N GLY B 106 -1.06 9.44 4.80
CA GLY B 106 -2.12 9.06 5.71
C GLY B 106 -2.12 9.67 7.09
N GLY B 107 -1.53 10.85 7.21
CA GLY B 107 -1.40 11.50 8.49
C GLY B 107 -2.05 12.89 8.54
N ASP B 108 -1.76 13.59 9.63
CA ASP B 108 -2.42 14.84 9.92
C ASP B 108 -2.27 15.86 8.77
N ASP B 109 -3.39 16.52 8.47
CA ASP B 109 -3.46 17.53 7.40
C ASP B 109 -2.78 18.85 7.70
N GLY B 110 -2.42 19.08 8.97
CA GLY B 110 -1.99 20.39 9.45
C GLY B 110 -0.87 21.07 8.71
N TRP B 111 0.24 20.34 8.50
CA TRP B 111 1.40 20.88 7.78
C TRP B 111 0.98 21.36 6.35
N PHE B 112 0.25 20.49 5.68
CA PHE B 112 -0.24 20.76 4.32
C PHE B 112 -1.20 22.02 4.22
N GLU B 113 -2.09 22.11 5.19
CA GLU B 113 -2.98 23.27 5.31
C GLU B 113 -2.16 24.55 5.55
N GLN B 114 -1.16 24.47 6.41
CA GLN B 114 -0.25 25.61 6.60
C GLN B 114 0.48 25.93 5.32
N VAL B 115 0.96 24.94 4.59
CA VAL B 115 1.66 25.22 3.36
C VAL B 115 0.69 25.86 2.37
N GLU B 116 -0.50 25.30 2.24
CA GLU B 116 -1.53 25.89 1.32
C GLU B 116 -1.83 27.34 1.67
N SER B 117 -1.94 27.65 2.96
CA SER B 117 -2.18 29.07 3.35
C SER B 117 -1.04 29.96 2.89
N LEU B 118 0.19 29.44 2.90
CA LEU B 118 1.30 30.29 2.48
C LEU B 118 1.27 30.56 0.98
N LEU B 119 1.08 29.51 0.19
CA LEU B 119 0.94 29.67 -1.26
C LEU B 119 -0.23 30.65 -1.60
N LEU B 120 -1.34 30.50 -0.89
CA LEU B 120 -2.54 31.35 -1.16
C LEU B 120 -2.19 32.82 -0.87
N SER B 121 -1.43 33.08 0.18
CA SER B 121 -1.00 34.41 0.53
C SER B 121 -0.35 35.16 -0.62
N THR B 122 0.26 34.44 -1.56
CA THR B 122 0.98 35.11 -2.67
C THR B 122 0.03 35.62 -3.75
N LEU B 123 -1.23 35.25 -3.68
CA LEU B 123 -2.19 35.73 -4.68
C LEU B 123 -2.76 37.10 -4.28
N GLU B 124 -2.58 37.47 -3.02
CA GLU B 124 -3.10 38.73 -2.45
C GLU B 124 -2.33 39.90 -3.07
N PRO B 125 -3.04 40.81 -3.80
CA PRO B 125 -2.44 42.14 -3.93
C PRO B 125 -2.60 42.84 -2.57
N GLU B 126 -1.48 43.13 -1.93
CA GLU B 126 -0.17 42.82 -2.47
C GLU B 126 0.65 42.34 -1.30
N ALA B 127 1.01 41.06 -1.39
CA ALA B 127 1.75 40.41 -0.33
C ALA B 127 3.20 40.71 -0.57
N GLU B 128 3.97 40.89 0.50
CA GLU B 128 5.42 41.02 0.35
C GLU B 128 6.07 39.65 0.14
N VAL B 129 6.75 39.52 -1.00
CA VAL B 129 7.58 38.37 -1.30
C VAL B 129 8.55 38.01 -0.16
N GLU B 130 9.19 39.00 0.44
CA GLU B 130 10.11 38.80 1.59
C GLU B 130 9.42 38.01 2.71
N ALA B 131 8.15 38.30 2.98
CA ALA B 131 7.39 37.63 4.05
C ALA B 131 7.05 36.15 3.75
N PHE B 132 6.66 35.90 2.50
CA PHE B 132 6.52 34.53 2.01
C PHE B 132 7.81 33.71 2.19
N GLU B 133 8.94 34.23 1.71
CA GLU B 133 10.23 33.52 1.79
C GLU B 133 10.58 33.21 3.23
N GLN B 134 10.45 34.22 4.07
CA GLN B 134 10.65 34.11 5.53
C GLN B 134 9.78 33.07 6.13
N ALA B 135 8.48 33.12 5.83
CA ALA B 135 7.57 32.10 6.33
C ALA B 135 7.95 30.67 5.90
N VAL B 136 8.25 30.46 4.62
CA VAL B 136 8.68 29.16 4.13
C VAL B 136 9.96 28.70 4.89
N ALA B 137 10.91 29.61 5.08
CA ALA B 137 12.19 29.27 5.70
C ALA B 137 12.03 28.94 7.18
N GLN B 138 10.97 29.45 7.82
CA GLN B 138 10.69 29.21 9.23
C GLN B 138 9.82 27.99 9.42
N LEU B 139 9.44 27.34 8.32
CA LEU B 139 8.47 26.29 8.38
C LEU B 139 9.16 24.98 8.82
N PRO B 140 8.50 24.22 9.73
CA PRO B 140 9.08 22.95 10.21
C PRO B 140 8.94 21.90 9.16
N ALA B 141 9.72 20.82 9.28
CA ALA B 141 9.47 19.62 8.46
C ALA B 141 8.09 19.07 8.86
N PRO B 142 7.46 18.29 7.96
CA PRO B 142 6.26 17.56 8.35
C PRO B 142 6.54 16.48 9.39
N PRO B 143 5.54 16.19 10.24
CA PRO B 143 5.59 14.97 11.02
C PRO B 143 5.28 13.76 10.15
N CYS B 144 6.27 12.86 10.03
CA CYS B 144 6.28 11.76 9.03
C CYS B 144 6.58 10.41 9.72
N PRO B 146 10.47 7.90 8.89
CA PRO B 146 11.20 6.75 9.51
C PRO B 146 10.47 5.41 9.36
N ARG B 147 10.69 4.75 8.23
CA ARG B 147 9.82 3.60 7.87
C ARG B 147 10.14 2.32 8.71
N ILE B 148 9.11 1.53 8.96
CA ILE B 148 9.23 0.26 9.61
C ILE B 148 10.39 -0.38 8.92
N GLU B 149 11.29 -0.92 9.71
CA GLU B 149 12.44 -1.66 9.23
C GLU B 149 12.03 -2.82 8.32
N GLN B 150 12.72 -2.93 7.18
CA GLN B 150 12.46 -3.92 6.14
C GLN B 150 13.77 -4.37 5.49
N SER B 151 13.79 -5.57 4.91
CA SER B 151 14.94 -6.10 4.15
C SER B 151 14.44 -6.94 2.95
N LEU B 152 15.23 -7.91 2.50
CA LEU B 152 14.87 -8.79 1.38
C LEU B 152 15.32 -10.23 1.62
N ILE B 153 14.80 -11.14 0.80
CA ILE B 153 15.44 -12.45 0.54
C ILE B 153 15.38 -12.77 -0.96
N ASN B 156 12.45 -10.88 -4.30
CA ASN B 156 11.08 -11.41 -4.16
C ASN B 156 10.41 -11.17 -2.79
N LEU B 157 11.05 -11.61 -1.72
CA LEU B 157 10.43 -11.47 -0.41
C LEU B 157 10.76 -10.10 0.18
N LEU B 158 9.77 -9.48 0.79
CA LEU B 158 9.98 -8.29 1.60
C LEU B 158 9.60 -8.67 3.03
N ARG B 159 10.58 -8.76 3.94
CA ARG B 159 10.26 -8.93 5.36
C ARG B 159 10.19 -7.57 6.06
N SER B 160 9.10 -7.27 6.75
CA SER B 160 9.01 -6.08 7.58
C SER B 160 9.04 -6.48 9.04
N GLU B 161 9.68 -5.66 9.82
CA GLU B 161 9.81 -5.90 11.22
C GLU B 161 8.61 -5.35 11.96
N ALA B 162 7.46 -5.95 11.71
CA ALA B 162 6.20 -5.41 12.17
C ALA B 162 5.52 -6.53 12.92
N VAL B 163 5.35 -6.33 14.22
CA VAL B 163 4.84 -7.39 15.07
C VAL B 163 3.51 -7.03 15.70
N THR B 164 2.98 -5.85 15.42
CA THR B 164 1.67 -5.46 15.94
C THR B 164 0.82 -5.10 14.75
N PRO B 165 -0.52 -5.12 14.89
CA PRO B 165 -1.38 -4.69 13.80
C PRO B 165 -1.09 -3.26 13.35
N ALA B 166 -0.75 -2.37 14.29
CA ALA B 166 -0.39 -0.99 13.95
C ALA B 166 0.85 -0.91 13.06
N GLN B 167 1.85 -1.73 13.38
CA GLN B 167 3.10 -1.74 12.65
C GLN B 167 2.87 -2.38 11.29
N ARG B 168 2.02 -3.39 11.25
CA ARG B 168 1.69 -4.01 9.93
C ARG B 168 0.93 -3.03 9.03
N LEU B 169 0.03 -2.25 9.63
CA LEU B 169 -0.69 -1.25 8.85
C LEU B 169 0.26 -0.19 8.34
N ALA B 170 1.12 0.32 9.19
CA ALA B 170 2.09 1.29 8.73
C ALA B 170 3.01 0.70 7.67
N ALA B 171 3.40 -0.59 7.79
CA ALA B 171 4.27 -1.21 6.77
C ALA B 171 3.61 -1.26 5.41
N LEU B 172 2.35 -1.65 5.41
CA LEU B 172 1.61 -1.78 4.16
C LEU B 172 1.46 -0.44 3.49
N ALA B 173 1.06 0.59 4.24
CA ALA B 173 0.94 1.95 3.69
C ALA B 173 2.28 2.52 3.11
N GLN B 174 3.43 2.33 3.79
CA GLN B 174 4.73 2.74 3.21
C GLN B 174 5.01 2.06 1.93
N HIS B 175 4.75 0.75 1.85
CA HIS B 175 4.98 -0.01 0.64
C HIS B 175 4.19 0.58 -0.54
N ALA B 176 2.93 1.02 -0.32
CA ALA B 176 2.20 1.57 -1.43
C ALA B 176 2.82 2.83 -2.01
N CYS B 177 3.66 3.49 -1.24
CA CYS B 177 4.37 4.68 -1.70
C CYS B 177 5.63 4.49 -2.52
N ASP B 178 6.24 3.32 -2.45
CA ASP B 178 7.50 3.08 -3.10
C ASP B 178 7.35 3.12 -4.59
N GLY B 179 8.31 3.76 -5.24
CA GLY B 179 8.23 3.89 -6.69
C GLY B 179 7.07 4.77 -7.21
N ALA B 180 6.44 5.54 -6.35
CA ALA B 180 5.13 6.16 -6.71
C ALA B 180 5.06 7.63 -6.37
N SER B 181 4.09 8.32 -6.99
CA SER B 181 3.73 9.66 -6.55
C SER B 181 2.23 9.67 -6.19
N HIS B 182 1.92 10.25 -5.03
CA HIS B 182 0.57 10.43 -4.54
C HIS B 182 0.27 11.95 -4.55
N TRP B 183 -0.96 12.27 -4.89
CA TRP B 183 -1.42 13.65 -5.12
C TRP B 183 -2.81 13.69 -4.55
N TRP B 184 -3.07 14.63 -3.63
CA TRP B 184 -4.39 14.70 -3.01
C TRP B 184 -4.72 16.12 -2.59
N GLY B 185 -5.97 16.36 -2.21
CA GLY B 185 -6.34 17.64 -1.68
C GLY B 185 -7.82 17.91 -1.72
N ARG B 186 -8.17 19.20 -1.53
CA ARG B 186 -9.60 19.63 -1.39
C ARG B 186 -10.33 19.68 -2.72
N GLY B 187 -9.61 19.67 -3.81
CA GLY B 187 -10.29 19.76 -5.12
C GLY B 187 -10.67 21.18 -5.50
N SER B 188 -11.65 21.28 -6.38
CA SER B 188 -12.14 22.55 -6.91
C SER B 188 -13.61 22.33 -7.28
N ALA B 189 -14.32 23.39 -7.65
CA ALA B 189 -15.62 23.20 -8.26
C ALA B 189 -15.64 22.05 -9.33
N ARG B 190 -14.55 21.83 -10.03
CA ARG B 190 -14.55 20.84 -11.13
C ARG B 190 -14.00 19.43 -10.81
N ILE B 191 -13.16 19.32 -9.81
CA ILE B 191 -12.52 18.08 -9.44
C ILE B 191 -12.85 17.79 -7.99
N SER B 192 -13.49 16.66 -7.72
CA SER B 192 -13.76 16.26 -6.30
C SER B 192 -12.50 16.02 -5.52
N ALA B 193 -12.56 16.33 -4.24
CA ALA B 193 -11.54 15.96 -3.28
C ALA B 193 -11.30 14.46 -3.37
N GLY B 194 -10.03 14.10 -3.28
CA GLY B 194 -9.66 12.70 -3.35
C GLY B 194 -8.17 12.52 -3.44
N LEU B 195 -7.79 11.29 -3.69
CA LEU B 195 -6.39 10.90 -3.73
C LEU B 195 -6.09 10.22 -5.11
N MSE B 196 -4.97 10.59 -5.70
CA MSE B 196 -4.48 10.05 -6.97
C MSE B 196 -3.11 9.41 -6.79
O MSE B 196 -2.27 9.94 -6.07
CB MSE B 196 -4.32 11.22 -7.95
CG MSE B 196 -5.65 11.99 -8.25
SE MSE B 196 -5.05 13.70 -9.19
CE MSE B 196 -5.05 13.03 -10.99
N ARG B 197 -2.89 8.25 -7.46
CA ARG B 197 -1.57 7.57 -7.44
C ARG B 197 -1.09 7.29 -8.84
N TYR B 198 0.11 7.70 -9.16
CA TYR B 198 0.83 7.23 -10.33
C TYR B 198 2.02 6.35 -9.90
N GLN B 199 2.22 5.30 -10.71
CA GLN B 199 3.45 4.53 -10.72
C GLN B 199 4.50 5.44 -11.33
N GLY B 200 5.44 5.93 -10.56
CA GLY B 200 6.32 6.95 -11.06
C GLY B 200 5.69 8.34 -11.04
N LEU B 201 6.30 9.26 -11.79
CA LEU B 201 5.75 10.63 -12.00
C LEU B 201 4.66 10.51 -12.98
N PRO B 202 3.65 11.41 -12.85
CA PRO B 202 2.63 11.47 -13.91
C PRO B 202 3.29 11.67 -15.29
N PRO B 203 2.91 10.86 -16.26
CA PRO B 203 3.37 11.14 -17.61
C PRO B 203 2.85 12.51 -18.09
N ALA B 204 3.63 13.16 -18.94
CA ALA B 204 3.30 14.52 -19.40
C ALA B 204 1.86 14.61 -19.94
N PRO B 205 1.43 13.66 -20.77
CA PRO B 205 0.02 13.74 -21.23
C PRO B 205 -1.00 13.54 -20.14
N ALA B 206 -0.58 13.15 -18.96
CA ALA B 206 -1.48 13.06 -17.77
C ALA B 206 -1.56 14.33 -16.95
N PHE B 207 -0.60 15.24 -17.16
CA PHE B 207 -0.66 16.56 -16.49
C PHE B 207 -2.03 17.28 -16.47
N GLY B 208 -2.64 17.38 -17.65
CA GLY B 208 -4.00 17.83 -17.80
C GLY B 208 -5.05 17.41 -16.78
N ARG B 209 -4.97 16.18 -16.27
CA ARG B 209 -5.96 15.65 -15.34
C ARG B 209 -5.90 16.41 -14.02
N PHE B 210 -4.73 16.94 -13.68
CA PHE B 210 -4.63 17.83 -12.49
C PHE B 210 -5.41 19.15 -12.68
N LEU B 211 -5.74 19.50 -13.93
CA LEU B 211 -6.44 20.78 -14.26
C LEU B 211 -7.89 20.53 -14.53
N THR B 212 -8.26 19.38 -15.08
CA THR B 212 -9.61 19.18 -15.45
C THR B 212 -10.30 18.05 -14.75
N GLY B 213 -9.55 17.17 -14.11
CA GLY B 213 -10.12 15.92 -13.60
C GLY B 213 -10.73 14.99 -14.66
N GLU B 214 -10.50 15.28 -15.92
CA GLU B 214 -11.16 14.51 -16.96
C GLU B 214 -10.40 13.22 -17.27
N GLY B 215 -11.12 12.19 -17.65
CA GLY B 215 -10.49 10.91 -17.98
C GLY B 215 -11.49 9.86 -18.35
N GLU B 216 -10.97 8.76 -18.88
CA GLU B 216 -11.75 7.56 -19.10
C GLU B 216 -11.77 6.74 -17.79
N VAL B 217 -12.88 6.74 -17.08
CA VAL B 217 -13.00 6.10 -15.76
C VAL B 217 -13.54 4.69 -15.93
N ILE B 218 -12.79 3.72 -15.38
CA ILE B 218 -13.23 2.35 -15.20
C ILE B 218 -13.44 2.10 -13.75
N PRO B 219 -14.67 1.80 -13.33
CA PRO B 219 -14.75 1.60 -11.88
C PRO B 219 -14.08 0.27 -11.47
N LEU B 220 -13.32 0.26 -10.37
CA LEU B 220 -12.66 -0.93 -9.83
C LEU B 220 -13.39 -1.44 -8.61
N PHE B 221 -13.49 -0.62 -7.57
CA PHE B 221 -14.07 -1.04 -6.27
C PHE B 221 -15.15 -0.02 -5.83
N PRO B 222 -16.33 -0.49 -5.41
CA PRO B 222 -17.47 0.42 -5.24
C PRO B 222 -17.46 1.18 -3.92
N GLY B 223 -18.27 2.25 -3.85
CA GLY B 223 -18.53 2.96 -2.62
C GLY B 223 -19.52 2.13 -1.84
N ILE B 224 -19.74 2.52 -0.58
CA ILE B 224 -20.68 1.81 0.29
C ILE B 224 -21.83 2.81 0.55
N PRO B 225 -23.10 2.33 0.52
CA PRO B 225 -24.28 3.15 0.76
C PRO B 225 -24.12 4.33 1.76
C ACT C . 4.31 -5.18 3.18
O ACT C . 4.33 -6.35 3.74
OXT ACT C . 3.37 -4.91 2.35
CH3 ACT C . 5.32 -4.14 3.47
C ACT D . 3.12 -32.27 14.19
O ACT D . 3.57 -31.44 15.01
OXT ACT D . 2.65 -33.35 14.68
CH3 ACT D . 3.14 -31.98 12.71
C1 PGE E . -18.86 -18.98 6.44
O1 PGE E . -18.52 -18.26 7.63
C2 PGE E . -19.10 -20.45 6.76
O2 PGE E . -19.54 -21.15 5.60
C3 PGE E . -19.68 -22.57 5.78
C4 PGE E . -20.31 -23.00 7.10
O4 PGE E . -23.84 -21.15 5.16
C6 PGE E . -22.67 -20.93 5.95
C5 PGE E . -22.55 -22.03 7.01
O3 PGE E . -21.25 -22.06 7.63
C ACT F . -3.11 4.69 -3.32
O ACT F . -3.27 5.87 -3.76
OXT ACT F . -1.93 4.28 -2.96
CH3 ACT F . -4.26 3.80 -3.25
#